data_8BNV
#
_entry.id   8BNV
#
_cell.length_a   88.764
_cell.length_b   147.053
_cell.length_c   78.368
_cell.angle_alpha   90.000
_cell.angle_beta   90.000
_cell.angle_gamma   90.000
#
_symmetry.space_group_name_H-M   'C 2 2 21'
#
loop_
_entity.id
_entity.type
_entity.pdbx_description
1 polymer 'AAA family ATPase'
2 non-polymer GLYCEROL
3 non-polymer 'MAGNESIUM ION'
4 water water
#
_entity_poly.entity_id   1
_entity_poly.type   'polypeptide(L)'
_entity_poly.pdbx_seq_one_letter_code
;MKLALNTEFKKAIDLATNSSKNLFITGKAGTGKSTFLKYLINELLFDAVVLAPTGVAAINIGGETIHSFFNFPINITPDK
IPDLFIYDYEIYKYVNTIIIDEISMVRADLLDCIDLFLKRVKNPKLPFGGTKMIFIGDLYQLPPVLTNHQKKAFNMEYES
PYFFSAKVFKEMDMEFIEFETIYRQSDKLFIDILNRIRNNTVTDEDIKIINSRVQDKIDNDDGYIYITTVNKKAEEINNQ
KLDKLKGKLYKLNGTLKGNFDENSLPTPKNLHLKIGAQVMLLNNAPDRMWVNGTIGTITNIFPDEMIIELALENGNIVEI
TPFKWDMIKFTYDKKEKKMLSETIGSYTQFPLKLAYAITVHKSQGKTFHKVIIDTSRHFFAPGQFYVALSRCTSLDGIIL
TKKITKNSIILDKKVVNFLTNFQYQLSEKKTPLEEKISILKRAIERNSPLEIVYLKTKDEKSKRVIIPKEVGEMVYSGKS
FMGLKGFCTMRNDERVFRIDRILEIKEIND
;
_entity_poly.pdbx_strand_id   A
#
loop_
_chem_comp.id
_chem_comp.type
_chem_comp.name
_chem_comp.formula
GOL non-polymer GLYCEROL 'C3 H8 O3'
MG non-polymer 'MAGNESIUM ION' 'Mg 2'
#
# COMPACT_ATOMS: atom_id res chain seq x y z
N SER A 20 -5.87 -15.84 25.22
CA SER A 20 -4.75 -15.80 24.28
C SER A 20 -4.75 -14.48 23.50
N LYS A 21 -3.85 -13.58 23.87
CA LYS A 21 -3.86 -12.23 23.31
C LYS A 21 -3.55 -12.26 21.81
N ASN A 22 -4.16 -11.32 21.10
CA ASN A 22 -3.76 -11.06 19.72
C ASN A 22 -2.60 -10.08 19.70
N LEU A 23 -2.15 -9.75 18.50
CA LEU A 23 -0.89 -9.03 18.34
C LEU A 23 -1.02 -7.95 17.29
N PHE A 24 -0.49 -6.77 17.62
CA PHE A 24 -0.25 -5.71 16.67
C PHE A 24 1.25 -5.49 16.59
N ILE A 25 1.79 -5.47 15.37
CA ILE A 25 3.21 -5.18 15.17
C ILE A 25 3.38 -4.10 14.11
N THR A 26 4.48 -3.35 14.21
CA THR A 26 4.78 -2.23 13.32
C THR A 26 5.97 -2.59 12.44
N GLY A 27 5.68 -3.20 11.28
CA GLY A 27 6.71 -3.68 10.39
C GLY A 27 6.63 -3.05 9.00
N LYS A 28 7.81 -2.83 8.41
CA LYS A 28 7.94 -2.11 7.15
C LYS A 28 7.98 -3.07 5.97
N ALA A 29 7.51 -2.58 4.83
CA ALA A 29 7.36 -3.39 3.63
C ALA A 29 8.74 -3.60 2.96
N GLY A 30 9.54 -4.44 3.62
CA GLY A 30 10.78 -4.92 3.05
C GLY A 30 10.59 -6.32 2.46
N THR A 31 11.60 -6.76 1.72
CA THR A 31 11.51 -8.12 1.18
C THR A 31 11.42 -9.14 2.30
N GLY A 32 12.03 -8.85 3.44
CA GLY A 32 11.96 -9.72 4.60
C GLY A 32 10.54 -10.08 4.97
N LYS A 33 9.70 -9.07 5.24
CA LYS A 33 8.35 -9.34 5.70
C LYS A 33 7.67 -10.37 4.80
N SER A 34 7.74 -10.18 3.49
CA SER A 34 7.01 -11.06 2.58
C SER A 34 7.48 -12.51 2.71
N THR A 35 8.79 -12.73 2.59
CA THR A 35 9.27 -14.11 2.66
C THR A 35 9.20 -14.67 4.07
N PHE A 36 9.39 -13.85 5.09
CA PHE A 36 9.23 -14.39 6.43
C PHE A 36 7.80 -14.86 6.68
N LEU A 37 6.80 -14.14 6.14
CA LEU A 37 5.43 -14.60 6.30
C LEU A 37 5.18 -15.92 5.59
N LYS A 38 5.79 -16.12 4.41
CA LYS A 38 5.68 -17.41 3.75
C LYS A 38 6.26 -18.53 4.61
N TYR A 39 7.47 -18.33 5.13
CA TYR A 39 8.02 -19.32 6.05
C TYR A 39 7.05 -19.56 7.20
N LEU A 40 6.55 -18.47 7.78
CA LEU A 40 5.66 -18.61 8.94
C LEU A 40 4.52 -19.58 8.65
N ILE A 41 3.73 -19.31 7.61
CA ILE A 41 2.47 -20.02 7.40
C ILE A 41 2.68 -21.23 6.49
N ASN A 42 3.93 -21.58 6.23
CA ASN A 42 4.18 -22.82 5.51
C ASN A 42 5.03 -23.79 6.30
N GLU A 43 6.04 -23.30 7.00
CA GLU A 43 6.93 -24.18 7.74
C GLU A 43 6.62 -24.24 9.23
N LEU A 44 6.00 -23.20 9.81
CA LEU A 44 5.69 -23.22 11.23
C LEU A 44 4.22 -23.33 11.56
N LEU A 45 3.40 -22.45 11.01
CA LEU A 45 1.95 -22.45 11.25
C LEU A 45 1.25 -23.13 10.09
N PHE A 46 0.33 -24.03 10.42
CA PHE A 46 -0.47 -24.75 9.42
C PHE A 46 -1.96 -24.43 9.47
N ASP A 47 -2.38 -23.54 10.36
CA ASP A 47 -3.76 -23.12 10.52
C ASP A 47 -3.87 -21.59 10.47
N ALA A 48 -3.16 -20.96 9.53
CA ALA A 48 -3.12 -19.51 9.42
C ALA A 48 -3.14 -19.07 7.95
N VAL A 49 -3.62 -17.85 7.71
CA VAL A 49 -3.60 -17.25 6.38
C VAL A 49 -3.03 -15.84 6.48
N VAL A 50 -2.85 -15.20 5.33
CA VAL A 50 -2.28 -13.86 5.27
C VAL A 50 -3.13 -13.05 4.32
N LEU A 51 -3.82 -12.06 4.86
CA LEU A 51 -4.76 -11.23 4.12
C LEU A 51 -4.19 -9.83 4.01
N ALA A 52 -4.73 -9.08 3.05
CA ALA A 52 -4.36 -7.69 2.81
C ALA A 52 -5.55 -6.94 2.23
N PRO A 53 -5.59 -5.60 2.38
CA PRO A 53 -6.82 -4.84 2.09
C PRO A 53 -7.14 -4.66 0.61
N THR A 54 -6.11 -4.50 -0.23
CA THR A 54 -6.30 -4.38 -1.66
C THR A 54 -5.62 -5.55 -2.39
N GLY A 55 -6.05 -5.77 -3.63
CA GLY A 55 -5.44 -6.78 -4.46
C GLY A 55 -3.94 -6.64 -4.63
N VAL A 56 -3.49 -5.47 -5.08
CA VAL A 56 -2.06 -5.26 -5.27
C VAL A 56 -1.31 -5.52 -3.98
N ALA A 57 -1.81 -4.94 -2.88
CA ALA A 57 -1.19 -5.19 -1.59
C ALA A 57 -1.14 -6.68 -1.28
N ALA A 58 -2.14 -7.43 -1.75
CA ALA A 58 -2.18 -8.87 -1.50
C ALA A 58 -1.14 -9.61 -2.34
N ILE A 59 -1.01 -9.26 -3.62
CA ILE A 59 -0.07 -10.01 -4.45
C ILE A 59 1.36 -9.67 -4.08
N ASN A 60 1.62 -8.44 -3.62
CA ASN A 60 2.98 -8.05 -3.26
C ASN A 60 3.53 -8.96 -2.16
N ILE A 61 2.68 -9.40 -1.23
CA ILE A 61 3.11 -10.24 -0.12
C ILE A 61 2.62 -11.69 -0.26
N GLY A 62 2.01 -12.04 -1.38
CA GLY A 62 1.52 -13.39 -1.54
C GLY A 62 0.40 -13.75 -0.57
N GLY A 63 -0.62 -12.91 -0.50
CA GLY A 63 -1.76 -13.26 0.31
C GLY A 63 -3.05 -13.22 -0.47
N GLU A 64 -4.16 -13.36 0.25
CA GLU A 64 -5.49 -13.18 -0.33
C GLU A 64 -6.02 -11.85 0.18
N THR A 65 -6.71 -11.11 -0.69
CA THR A 65 -7.43 -9.93 -0.20
C THR A 65 -8.50 -10.33 0.84
N ILE A 66 -8.72 -9.44 1.80
CA ILE A 66 -9.82 -9.66 2.76
C ILE A 66 -11.11 -9.96 2.03
N HIS A 67 -11.40 -9.21 0.97
CA HIS A 67 -12.69 -9.37 0.31
C HIS A 67 -12.81 -10.73 -0.36
N SER A 68 -11.71 -11.27 -0.89
CA SER A 68 -11.84 -12.56 -1.54
C SER A 68 -11.91 -13.69 -0.51
N PHE A 69 -11.10 -13.61 0.53
CA PHE A 69 -11.13 -14.59 1.59
C PHE A 69 -12.49 -14.75 2.24
N PHE A 70 -13.27 -13.66 2.33
CA PHE A 70 -14.60 -13.72 2.90
C PHE A 70 -15.72 -13.61 1.88
N ASN A 71 -15.41 -13.50 0.60
CA ASN A 71 -16.41 -13.27 -0.44
C ASN A 71 -17.33 -12.09 -0.07
N PHE A 72 -16.71 -11.04 0.43
CA PHE A 72 -17.36 -9.76 0.65
C PHE A 72 -17.71 -9.07 -0.66
N PRO A 73 -18.96 -8.63 -0.85
CA PRO A 73 -19.24 -7.73 -1.98
C PRO A 73 -18.41 -6.47 -1.80
N ILE A 74 -18.41 -5.62 -2.83
CA ILE A 74 -17.51 -4.49 -2.75
C ILE A 74 -18.00 -3.45 -1.74
N ASN A 75 -19.31 -3.21 -1.70
CA ASN A 75 -19.90 -2.30 -0.71
C ASN A 75 -20.32 -3.02 0.56
N ILE A 76 -19.41 -3.72 1.18
CA ILE A 76 -19.76 -4.46 2.39
C ILE A 76 -19.88 -3.49 3.55
N THR A 77 -20.76 -3.81 4.52
CA THR A 77 -20.98 -2.97 5.70
C THR A 77 -21.60 -3.81 6.81
N PRO A 78 -21.28 -3.53 8.07
CA PRO A 78 -21.74 -4.38 9.18
C PRO A 78 -23.23 -4.74 9.17
N ASP A 79 -24.11 -3.86 8.70
CA ASP A 79 -25.50 -4.30 8.74
C ASP A 79 -25.81 -5.27 7.61
N LYS A 80 -25.04 -5.23 6.52
CA LYS A 80 -25.24 -6.14 5.41
C LYS A 80 -24.82 -7.58 5.73
N ILE A 81 -24.12 -7.80 6.85
CA ILE A 81 -23.48 -9.08 7.17
C ILE A 81 -24.47 -10.17 7.56
N PRO A 82 -25.35 -9.94 8.53
CA PRO A 82 -26.29 -11.00 8.91
C PRO A 82 -26.92 -11.74 7.74
N ASP A 83 -27.15 -11.07 6.61
CA ASP A 83 -27.79 -11.70 5.46
C ASP A 83 -26.83 -11.93 4.30
N LEU A 84 -25.54 -11.97 4.56
CA LEU A 84 -24.56 -12.22 3.53
C LEU A 84 -24.49 -13.71 3.23
N PHE A 85 -24.54 -14.06 1.95
CA PHE A 85 -24.42 -15.45 1.54
C PHE A 85 -23.00 -15.92 1.74
N ILE A 86 -22.84 -17.17 2.16
CA ILE A 86 -21.51 -17.70 2.48
C ILE A 86 -21.19 -18.90 1.60
N TYR A 87 -20.16 -18.77 0.78
CA TYR A 87 -19.87 -19.80 -0.22
C TYR A 87 -19.43 -21.11 0.43
N ASP A 88 -18.58 -21.03 1.44
CA ASP A 88 -17.95 -22.21 2.02
C ASP A 88 -17.83 -21.98 3.53
N TYR A 89 -18.78 -22.51 4.29
CA TYR A 89 -18.73 -22.39 5.74
C TYR A 89 -17.54 -23.14 6.34
N GLU A 90 -16.91 -24.02 5.58
CA GLU A 90 -15.96 -24.94 6.22
C GLU A 90 -14.55 -24.40 6.30
N ILE A 91 -14.12 -23.57 5.35
CA ILE A 91 -12.71 -23.22 5.28
C ILE A 91 -12.28 -22.52 6.56
N TYR A 92 -13.15 -21.69 7.14
CA TYR A 92 -12.76 -20.91 8.31
C TYR A 92 -12.64 -21.77 9.56
N LYS A 93 -13.31 -22.92 9.61
CA LYS A 93 -13.16 -23.84 10.74
C LYS A 93 -11.72 -24.27 10.89
N TYR A 94 -10.95 -24.27 9.80
CA TYR A 94 -9.57 -24.71 9.84
C TYR A 94 -8.60 -23.54 9.91
N VAL A 95 -9.08 -22.31 10.01
CA VAL A 95 -8.22 -21.13 10.05
C VAL A 95 -8.28 -20.52 11.44
N ASN A 96 -7.16 -20.54 12.15
CA ASN A 96 -7.14 -20.18 13.55
C ASN A 96 -6.23 -19.02 13.85
N THR A 97 -5.54 -18.51 12.84
CA THR A 97 -4.75 -17.32 12.97
C THR A 97 -4.84 -16.59 11.65
N ILE A 98 -5.19 -15.31 11.70
CA ILE A 98 -5.33 -14.49 10.52
C ILE A 98 -4.36 -13.34 10.65
N ILE A 99 -3.51 -13.18 9.65
CA ILE A 99 -2.58 -12.06 9.63
C ILE A 99 -3.08 -11.09 8.57
N ILE A 100 -3.22 -9.83 8.97
CA ILE A 100 -3.69 -8.78 8.08
C ILE A 100 -2.57 -7.76 7.97
N ASP A 101 -2.00 -7.65 6.77
CA ASP A 101 -0.88 -6.77 6.49
C ASP A 101 -1.42 -5.48 5.90
N GLU A 102 -0.66 -4.40 6.07
CA GLU A 102 -1.09 -3.08 5.60
C GLU A 102 -2.38 -2.66 6.30
N ILE A 103 -2.42 -2.90 7.61
CA ILE A 103 -3.60 -2.70 8.46
C ILE A 103 -4.08 -1.25 8.43
N SER A 104 -3.21 -0.30 8.15
CA SER A 104 -3.65 1.09 8.13
C SER A 104 -4.63 1.35 6.99
N MET A 105 -4.58 0.56 5.93
CA MET A 105 -5.47 0.70 4.78
C MET A 105 -6.81 -0.02 4.96
N VAL A 106 -7.10 -0.56 6.16
CA VAL A 106 -8.38 -1.22 6.47
C VAL A 106 -9.29 -0.20 7.12
N ARG A 107 -10.53 -0.11 6.65
CA ARG A 107 -11.50 0.81 7.25
C ARG A 107 -12.09 0.24 8.53
N ALA A 108 -12.48 1.14 9.44
CA ALA A 108 -13.15 0.73 10.66
C ALA A 108 -14.30 -0.21 10.36
N ASP A 109 -15.21 0.17 9.47
CA ASP A 109 -16.35 -0.72 9.26
C ASP A 109 -15.91 -2.05 8.66
N LEU A 110 -14.82 -2.08 7.89
CA LEU A 110 -14.38 -3.35 7.28
C LEU A 110 -13.87 -4.31 8.34
N LEU A 111 -13.13 -3.80 9.31
CA LEU A 111 -12.63 -4.67 10.35
C LEU A 111 -13.77 -5.23 11.16
N ASP A 112 -14.86 -4.48 11.34
CA ASP A 112 -16.01 -4.99 12.08
C ASP A 112 -16.77 -6.03 11.24
N CYS A 113 -16.79 -5.86 9.92
CA CYS A 113 -17.34 -6.91 9.07
C CYS A 113 -16.57 -8.23 9.26
N ILE A 114 -15.24 -8.17 9.30
CA ILE A 114 -14.46 -9.38 9.55
C ILE A 114 -14.85 -9.98 10.89
N ASP A 115 -14.81 -9.18 11.95
CA ASP A 115 -15.25 -9.66 13.25
C ASP A 115 -16.65 -10.25 13.15
N LEU A 116 -17.61 -9.48 12.63
CA LEU A 116 -18.98 -9.99 12.53
C LEU A 116 -19.02 -11.31 11.77
N PHE A 117 -18.34 -11.38 10.61
CA PHE A 117 -18.31 -12.60 9.81
C PHE A 117 -17.81 -13.79 10.61
N LEU A 118 -16.56 -13.70 11.10
CA LEU A 118 -16.01 -14.78 11.92
C LEU A 118 -17.00 -15.22 12.97
N LYS A 119 -17.70 -14.28 13.59
CA LYS A 119 -18.59 -14.70 14.68
C LYS A 119 -19.69 -15.63 14.17
N ARG A 120 -20.04 -15.56 12.88
CA ARG A 120 -21.07 -16.39 12.26
C ARG A 120 -20.62 -17.83 11.98
N VAL A 121 -19.33 -18.02 11.66
CA VAL A 121 -18.79 -19.27 11.12
C VAL A 121 -17.96 -20.04 12.14
N LYS A 122 -17.60 -19.41 13.25
CA LYS A 122 -16.61 -19.70 14.30
C LYS A 122 -17.34 -19.28 15.57
N ASN A 123 -16.69 -19.16 16.71
CA ASN A 123 -17.45 -19.21 17.96
C ASN A 123 -18.04 -17.83 18.24
N PRO A 124 -19.38 -17.72 18.29
CA PRO A 124 -20.06 -16.41 18.23
C PRO A 124 -19.95 -15.59 19.49
N LYS A 125 -19.40 -16.13 20.56
CA LYS A 125 -19.33 -15.43 21.83
C LYS A 125 -17.99 -14.73 22.03
N LEU A 126 -17.12 -14.75 21.01
CA LEU A 126 -15.77 -14.25 21.16
C LEU A 126 -15.41 -13.34 20.00
N PRO A 127 -14.52 -12.37 20.24
CA PRO A 127 -14.09 -11.45 19.18
C PRO A 127 -13.35 -12.16 18.06
N PHE A 128 -13.76 -11.89 16.83
CA PHE A 128 -13.24 -12.60 15.66
C PHE A 128 -13.54 -14.09 15.74
N GLY A 129 -14.68 -14.45 16.33
CA GLY A 129 -15.03 -15.83 16.46
C GLY A 129 -14.06 -16.67 17.26
N GLY A 130 -13.12 -16.01 17.94
CA GLY A 130 -12.05 -16.69 18.66
C GLY A 130 -10.78 -16.82 17.87
N THR A 131 -10.79 -16.42 16.60
CA THR A 131 -9.60 -16.41 15.79
C THR A 131 -8.53 -15.51 16.39
N LYS A 132 -7.32 -16.00 16.42
CA LYS A 132 -6.16 -15.20 16.83
C LYS A 132 -5.79 -14.29 15.67
N MET A 133 -5.81 -12.98 15.91
CA MET A 133 -5.63 -12.00 14.85
C MET A 133 -4.29 -11.29 15.02
N ILE A 134 -3.56 -11.14 13.92
CA ILE A 134 -2.28 -10.42 13.93
C ILE A 134 -2.34 -9.32 12.89
N PHE A 135 -1.99 -8.12 13.31
CA PHE A 135 -2.11 -6.91 12.53
C PHE A 135 -0.73 -6.32 12.32
N ILE A 136 -0.43 -5.95 11.08
CA ILE A 136 0.87 -5.43 10.70
C ILE A 136 0.68 -4.04 10.07
N GLY A 137 1.21 -3.02 10.74
CA GLY A 137 0.99 -1.67 10.30
C GLY A 137 2.28 -0.89 10.18
N ASP A 138 2.15 0.40 9.96
CA ASP A 138 3.28 1.26 9.69
C ASP A 138 3.52 2.21 10.85
N LEU A 139 4.79 2.60 11.02
CA LEU A 139 5.21 3.44 12.13
C LEU A 139 4.36 4.68 12.27
N TYR A 140 3.81 5.17 11.16
CA TYR A 140 3.08 6.42 11.18
C TYR A 140 1.64 6.24 11.66
N GLN A 141 0.95 5.21 11.16
CA GLN A 141 -0.40 4.88 11.61
C GLN A 141 -0.29 4.01 12.86
N LEU A 142 -0.53 4.61 14.04
CA LEU A 142 -0.49 3.88 15.30
C LEU A 142 -1.52 4.40 16.29
N PRO A 143 -2.09 3.52 17.11
CA PRO A 143 -2.99 3.95 18.18
C PRO A 143 -2.21 4.29 19.44
N PRO A 144 -2.90 4.67 20.52
CA PRO A 144 -2.25 4.93 21.81
C PRO A 144 -1.31 3.79 22.23
N MET A 156 -22.43 3.56 18.28
CA MET A 156 -22.87 2.75 17.15
C MET A 156 -22.34 3.32 15.84
N GLU A 157 -22.12 4.63 15.84
CA GLU A 157 -21.53 5.35 14.73
C GLU A 157 -20.05 5.57 14.99
N TYR A 158 -19.25 5.49 13.94
CA TYR A 158 -17.80 5.48 14.11
C TYR A 158 -17.26 6.87 14.37
N GLU A 159 -16.16 6.92 15.13
CA GLU A 159 -15.47 8.15 15.49
C GLU A 159 -14.42 8.56 14.48
N SER A 160 -14.07 7.69 13.55
CA SER A 160 -13.07 7.94 12.51
C SER A 160 -13.10 6.77 11.54
N PRO A 161 -12.68 6.96 10.30
CA PRO A 161 -12.69 5.84 9.35
C PRO A 161 -11.53 4.90 9.54
N TYR A 162 -10.57 5.28 10.37
CA TYR A 162 -9.36 4.49 10.53
C TYR A 162 -9.65 3.24 11.36
N PHE A 163 -8.79 2.22 11.18
CA PHE A 163 -9.09 0.89 11.69
C PHE A 163 -9.19 0.86 13.21
N PHE A 164 -8.40 1.67 13.93
CA PHE A 164 -8.43 1.60 15.38
C PHE A 164 -9.76 2.08 15.95
N SER A 165 -10.64 2.61 15.10
CA SER A 165 -11.97 3.00 15.54
C SER A 165 -13.02 1.92 15.23
N ALA A 166 -12.62 0.67 15.17
CA ALA A 166 -13.57 -0.42 14.99
C ALA A 166 -14.24 -0.74 16.30
N LYS A 167 -15.52 -1.11 16.23
CA LYS A 167 -16.22 -1.44 17.46
C LYS A 167 -15.51 -2.59 18.16
N VAL A 168 -14.85 -3.46 17.40
CA VAL A 168 -14.27 -4.69 17.95
C VAL A 168 -12.97 -4.46 18.72
N PHE A 169 -12.31 -3.32 18.54
CA PHE A 169 -11.18 -2.98 19.40
C PHE A 169 -11.58 -2.86 20.87
N LYS A 170 -12.80 -2.41 21.14
CA LYS A 170 -13.28 -2.35 22.53
C LYS A 170 -13.26 -3.74 23.17
N GLU A 171 -13.71 -4.76 22.44
CA GLU A 171 -13.96 -6.09 22.99
C GLU A 171 -12.70 -6.89 23.31
N MET A 172 -11.50 -6.39 22.99
CA MET A 172 -10.33 -7.25 23.04
C MET A 172 -9.08 -6.49 23.45
N ASP A 173 -8.09 -7.26 23.90
CA ASP A 173 -6.80 -6.76 24.34
C ASP A 173 -5.70 -7.34 23.45
N MET A 174 -4.68 -6.54 23.22
CA MET A 174 -3.63 -6.89 22.27
C MET A 174 -2.26 -6.63 22.88
N GLU A 175 -1.26 -7.31 22.35
CA GLU A 175 0.12 -6.94 22.56
C GLU A 175 0.53 -5.95 21.49
N PHE A 176 1.40 -5.02 21.85
CA PHE A 176 1.91 -4.06 20.88
C PHE A 176 3.42 -4.25 20.80
N ILE A 177 3.90 -4.51 19.60
CA ILE A 177 5.33 -4.61 19.31
C ILE A 177 5.67 -3.54 18.30
N GLU A 178 6.49 -2.56 18.67
CA GLU A 178 7.02 -1.65 17.65
C GLU A 178 8.32 -2.27 17.13
N PHE A 179 8.14 -3.37 16.39
CA PHE A 179 9.28 -4.18 15.98
C PHE A 179 10.27 -3.42 15.10
N GLU A 180 9.80 -2.95 13.95
CA GLU A 180 10.60 -2.13 13.06
C GLU A 180 10.45 -0.64 13.38
N THR A 181 10.72 -0.29 14.64
CA THR A 181 10.74 1.10 15.07
C THR A 181 12.16 1.63 15.20
N ILE A 182 13.16 0.76 15.05
CA ILE A 182 14.55 1.18 15.19
C ILE A 182 15.01 2.08 14.07
N TYR A 183 14.18 2.34 13.05
CA TYR A 183 14.51 3.22 11.94
C TYR A 183 13.24 3.73 11.31
N ARG A 184 13.39 4.64 10.34
CA ARG A 184 12.28 5.23 9.60
C ARG A 184 12.73 5.41 8.16
N GLN A 185 11.90 6.11 7.37
CA GLN A 185 12.05 6.19 5.92
C GLN A 185 12.38 7.61 5.46
N SER A 186 13.22 8.31 6.21
CA SER A 186 13.64 9.67 5.86
C SER A 186 15.09 9.87 6.27
N ASP A 187 15.85 10.61 5.46
CA ASP A 187 17.29 10.75 5.64
C ASP A 187 17.67 11.93 6.51
N LYS A 188 16.84 12.96 6.59
CA LYS A 188 17.19 14.18 7.29
C LYS A 188 17.04 14.00 8.80
N LEU A 189 17.48 15.03 9.53
CA LEU A 189 17.45 14.97 10.98
C LEU A 189 16.10 15.38 11.53
N PHE A 190 15.42 16.34 10.90
CA PHE A 190 14.14 16.74 11.44
C PHE A 190 13.07 15.77 10.96
N ILE A 191 13.28 14.48 11.21
CA ILE A 191 12.18 13.54 11.37
C ILE A 191 11.23 14.00 12.45
N ASP A 192 11.72 14.83 13.39
CA ASP A 192 10.93 15.23 14.54
C ASP A 192 9.65 15.93 14.12
N ILE A 193 9.70 16.64 12.98
CA ILE A 193 8.55 17.45 12.58
C ILE A 193 7.34 16.56 12.27
N LEU A 194 7.59 15.39 11.68
CA LEU A 194 6.48 14.47 11.43
C LEU A 194 5.85 14.01 12.74
N ASN A 195 6.69 13.64 13.72
CA ASN A 195 6.19 13.19 15.01
C ASN A 195 5.69 14.34 15.88
N ARG A 196 5.90 15.58 15.47
CA ARG A 196 5.44 16.74 16.23
C ARG A 196 4.03 17.17 15.86
N ILE A 197 3.63 17.00 14.59
CA ILE A 197 2.25 17.21 14.19
C ILE A 197 1.40 15.95 14.37
N ARG A 198 2.02 14.84 14.75
CA ARG A 198 1.26 13.64 15.13
C ARG A 198 0.30 13.97 16.25
N ASN A 199 0.83 14.52 17.34
CA ASN A 199 0.08 14.81 18.56
C ASN A 199 -0.34 16.28 18.61
N ASN A 200 -0.59 16.88 17.43
CA ASN A 200 -1.09 18.24 17.30
C ASN A 200 -0.22 19.28 17.97
N THR A 201 1.03 18.91 18.28
CA THR A 201 1.99 19.80 18.89
C THR A 201 2.82 20.56 17.86
N VAL A 202 2.29 20.71 16.64
CA VAL A 202 2.97 21.50 15.60
C VAL A 202 3.06 22.95 16.08
N THR A 203 4.29 23.41 16.25
CA THR A 203 4.60 24.65 16.97
C THR A 203 4.78 25.83 16.01
N ASP A 204 4.51 27.03 16.55
CA ASP A 204 4.77 28.26 15.80
C ASP A 204 6.21 28.31 15.33
N GLU A 205 7.14 28.05 16.25
CA GLU A 205 8.57 28.06 15.91
C GLU A 205 8.85 27.17 14.72
N ASP A 206 8.03 26.14 14.51
CA ASP A 206 8.28 25.18 13.45
C ASP A 206 7.09 25.08 12.49
N ILE A 207 6.24 26.11 12.45
CA ILE A 207 5.41 26.34 11.27
C ILE A 207 6.21 27.05 10.20
N LYS A 208 7.41 27.51 10.55
CA LYS A 208 8.44 27.93 9.61
C LYS A 208 9.79 27.72 10.30
N ILE A 209 10.68 27.00 9.63
CA ILE A 209 10.39 26.56 8.28
C ILE A 209 9.40 25.41 8.20
N ILE A 210 8.15 25.70 7.80
CA ILE A 210 7.41 24.80 6.92
C ILE A 210 6.89 25.51 5.68
N ASN A 211 6.75 26.83 5.69
CA ASN A 211 6.34 27.54 4.49
C ASN A 211 7.49 27.75 3.52
N SER A 212 8.73 27.63 4.01
CA SER A 212 9.89 27.93 3.17
C SER A 212 9.87 27.17 1.86
N ARG A 213 9.14 26.05 1.82
CA ARG A 213 9.02 25.25 0.62
C ARG A 213 7.92 25.73 -0.31
N VAL A 214 7.27 26.85 -0.01
CA VAL A 214 6.18 27.31 -0.88
C VAL A 214 6.82 28.03 -2.07
N GLN A 215 6.95 27.30 -3.17
CA GLN A 215 7.45 27.81 -4.43
C GLN A 215 6.33 28.34 -5.31
N ASP A 216 6.69 28.64 -6.55
CA ASP A 216 5.78 28.98 -7.63
C ASP A 216 6.12 28.17 -8.87
N LYS A 217 6.88 27.09 -8.70
CA LYS A 217 7.09 26.06 -9.73
C LYS A 217 7.66 26.63 -11.03
N ILE A 218 8.85 27.21 -10.90
CA ILE A 218 9.53 27.76 -12.07
C ILE A 218 10.10 26.64 -12.92
N ASP A 219 10.67 25.58 -12.31
CA ASP A 219 11.17 24.44 -13.06
C ASP A 219 10.14 23.31 -13.03
N ASN A 220 9.23 23.36 -13.99
CA ASN A 220 8.20 22.34 -14.20
C ASN A 220 8.72 21.29 -15.19
N ASP A 221 8.93 20.06 -14.72
CA ASP A 221 8.81 19.66 -13.33
C ASP A 221 9.96 18.75 -12.93
N ASP A 222 10.92 18.58 -13.85
CA ASP A 222 11.70 17.36 -13.96
C ASP A 222 12.09 16.79 -12.62
N GLY A 223 11.81 15.48 -12.45
CA GLY A 223 12.26 14.73 -11.30
C GLY A 223 11.30 14.67 -10.14
N TYR A 224 10.27 15.49 -10.13
CA TYR A 224 9.30 15.52 -9.05
C TYR A 224 8.08 14.69 -9.43
N ILE A 225 7.57 13.93 -8.46
CA ILE A 225 6.27 13.26 -8.58
C ILE A 225 5.24 14.06 -7.81
N TYR A 226 4.10 14.33 -8.45
CA TYR A 226 2.98 15.00 -7.80
C TYR A 226 2.21 14.00 -6.94
N ILE A 227 1.84 14.43 -5.74
CA ILE A 227 1.01 13.63 -4.85
C ILE A 227 -0.41 14.19 -4.89
N THR A 228 -1.39 13.32 -5.15
CA THR A 228 -2.79 13.73 -5.27
C THR A 228 -3.69 12.83 -4.43
N THR A 229 -4.97 13.18 -4.40
CA THR A 229 -5.94 12.42 -3.61
C THR A 229 -6.95 11.66 -4.46
N VAL A 230 -7.03 11.95 -5.76
CA VAL A 230 -8.04 11.36 -6.63
C VAL A 230 -7.35 10.69 -7.80
N ASN A 231 -7.57 9.38 -7.95
CA ASN A 231 -6.96 8.65 -9.06
C ASN A 231 -7.23 9.33 -10.39
N LYS A 232 -8.41 9.90 -10.57
CA LYS A 232 -8.70 10.60 -11.81
C LYS A 232 -7.62 11.61 -12.16
N LYS A 233 -7.30 12.49 -11.21
CA LYS A 233 -6.38 13.58 -11.52
C LYS A 233 -4.94 13.11 -11.55
N ALA A 234 -4.61 12.02 -10.85
CA ALA A 234 -3.28 11.44 -10.98
C ALA A 234 -3.10 10.81 -12.35
N GLU A 235 -4.10 10.06 -12.81
CA GLU A 235 -4.05 9.55 -14.17
C GLU A 235 -4.01 10.68 -15.19
N GLU A 236 -4.53 11.85 -14.82
CA GLU A 236 -4.50 12.96 -15.77
C GLU A 236 -3.11 13.56 -15.88
N ILE A 237 -2.40 13.70 -14.75
CA ILE A 237 -1.05 14.25 -14.80
C ILE A 237 -0.10 13.28 -15.49
N ASN A 238 -0.27 11.99 -15.22
CA ASN A 238 0.57 10.99 -15.86
C ASN A 238 0.42 11.07 -17.38
N ASN A 239 -0.81 10.99 -17.87
CA ASN A 239 -1.03 11.01 -19.31
C ASN A 239 -0.79 12.41 -19.91
N GLN A 240 -0.74 13.46 -19.08
CA GLN A 240 -0.24 14.74 -19.54
C GLN A 240 1.21 14.62 -19.98
N LYS A 241 2.09 14.24 -19.05
CA LYS A 241 3.51 14.24 -19.33
C LYS A 241 3.87 13.29 -20.46
N LEU A 242 3.25 12.10 -20.50
CA LEU A 242 3.55 11.14 -21.56
C LEU A 242 3.21 11.72 -22.93
N ASP A 243 2.06 12.39 -23.03
CA ASP A 243 1.59 12.86 -24.33
C ASP A 243 2.52 13.90 -24.92
N LYS A 244 3.22 14.66 -24.07
CA LYS A 244 4.05 15.74 -24.59
C LYS A 244 5.42 15.25 -25.05
N LEU A 245 5.99 14.25 -24.39
CA LEU A 245 7.27 13.72 -24.81
C LEU A 245 7.24 13.32 -26.28
N LYS A 246 8.24 13.76 -27.03
CA LYS A 246 8.18 13.65 -28.48
C LYS A 246 8.71 12.31 -29.01
N GLY A 247 9.20 11.43 -28.14
CA GLY A 247 9.56 10.10 -28.60
C GLY A 247 8.35 9.33 -29.11
N LYS A 248 8.61 8.24 -29.81
CA LYS A 248 7.53 7.37 -30.28
C LYS A 248 6.86 6.69 -29.10
N LEU A 249 5.58 6.35 -29.29
CA LEU A 249 4.80 5.69 -28.23
C LEU A 249 4.93 4.19 -28.38
N TYR A 250 5.35 3.53 -27.31
CA TYR A 250 5.42 2.07 -27.24
C TYR A 250 4.24 1.55 -26.41
N LYS A 251 3.67 0.43 -26.84
CA LYS A 251 2.47 -0.12 -26.18
C LYS A 251 2.75 -1.57 -25.78
N LEU A 252 3.28 -1.74 -24.57
CA LEU A 252 3.63 -3.05 -24.02
C LEU A 252 2.40 -3.75 -23.45
N ASN A 253 2.23 -5.04 -23.79
CA ASN A 253 1.07 -5.82 -23.39
C ASN A 253 1.50 -6.99 -22.50
N GLY A 254 1.03 -6.97 -21.25
CA GLY A 254 1.23 -8.09 -20.37
C GLY A 254 0.27 -9.21 -20.65
N THR A 255 0.64 -10.42 -20.21
CA THR A 255 -0.17 -11.61 -20.40
C THR A 255 -0.79 -12.03 -19.07
N LEU A 256 -2.09 -12.32 -19.12
CA LEU A 256 -2.86 -12.83 -18.00
C LEU A 256 -3.14 -14.32 -18.21
N LYS A 257 -2.66 -15.15 -17.28
CA LYS A 257 -2.96 -16.57 -17.30
C LYS A 257 -3.94 -16.90 -16.18
N GLY A 258 -4.85 -17.82 -16.46
CA GLY A 258 -5.75 -18.28 -15.42
C GLY A 258 -6.68 -17.18 -14.94
N ASN A 259 -6.91 -17.17 -13.64
CA ASN A 259 -7.88 -16.29 -13.00
C ASN A 259 -7.12 -15.23 -12.20
N PHE A 260 -7.04 -14.01 -12.75
CA PHE A 260 -6.32 -12.92 -12.12
C PHE A 260 -7.22 -11.69 -12.17
N ASP A 261 -7.57 -11.16 -11.01
CA ASP A 261 -8.49 -10.02 -10.96
C ASP A 261 -7.86 -8.82 -11.67
N GLU A 262 -8.53 -8.33 -12.71
CA GLU A 262 -8.01 -7.17 -13.43
C GLU A 262 -8.18 -5.87 -12.68
N ASN A 263 -8.68 -5.88 -11.44
CA ASN A 263 -8.63 -4.69 -10.59
C ASN A 263 -7.42 -4.71 -9.67
N SER A 264 -6.58 -5.73 -9.77
CA SER A 264 -5.36 -5.77 -8.99
C SER A 264 -4.15 -5.94 -9.91
N LEU A 265 -4.17 -5.25 -11.06
CA LEU A 265 -2.97 -5.12 -11.87
C LEU A 265 -2.05 -4.08 -11.24
N PRO A 266 -0.84 -4.44 -10.83
CA PRO A 266 0.07 -3.40 -10.34
C PRO A 266 0.36 -2.33 -11.36
N THR A 267 0.28 -2.66 -12.66
CA THR A 267 0.48 -1.75 -13.78
C THR A 267 -0.38 -2.19 -14.95
N PRO A 268 -0.89 -1.26 -15.76
CA PRO A 268 -1.92 -1.63 -16.75
C PRO A 268 -1.47 -2.73 -17.70
N LYS A 269 -2.44 -3.52 -18.15
CA LYS A 269 -2.14 -4.52 -19.18
C LYS A 269 -1.81 -3.85 -20.50
N ASN A 270 -2.35 -2.65 -20.73
CA ASN A 270 -1.98 -1.79 -21.86
C ASN A 270 -0.96 -0.77 -21.35
N LEU A 271 0.28 -1.22 -21.20
CA LEU A 271 1.34 -0.35 -20.70
C LEU A 271 1.77 0.61 -21.81
N HIS A 272 1.50 1.91 -21.64
CA HIS A 272 1.89 2.93 -22.61
C HIS A 272 3.12 3.69 -22.10
N LEU A 273 4.17 3.71 -22.92
CA LEU A 273 5.49 4.19 -22.49
C LEU A 273 6.23 4.82 -23.67
N LYS A 274 7.12 5.76 -23.34
CA LYS A 274 7.94 6.45 -24.32
C LYS A 274 9.33 6.62 -23.75
N ILE A 275 10.30 6.91 -24.62
CA ILE A 275 11.62 7.24 -24.12
C ILE A 275 11.56 8.59 -23.41
N GLY A 276 12.32 8.71 -22.33
CA GLY A 276 12.26 9.88 -21.49
C GLY A 276 11.20 9.84 -20.42
N ALA A 277 10.37 8.81 -20.39
CA ALA A 277 9.29 8.74 -19.41
C ALA A 277 9.84 8.55 -18.01
N GLN A 278 9.17 9.19 -17.03
CA GLN A 278 9.55 9.11 -15.63
C GLN A 278 8.71 8.02 -14.97
N VAL A 279 9.33 6.89 -14.62
CA VAL A 279 8.58 5.72 -14.20
C VAL A 279 8.97 5.30 -12.79
N MET A 280 8.22 4.34 -12.28
CA MET A 280 8.37 3.81 -10.94
C MET A 280 8.48 2.29 -11.02
N LEU A 281 9.32 1.72 -10.15
CA LEU A 281 9.53 0.28 -10.12
C LEU A 281 8.62 -0.35 -9.07
N LEU A 282 8.01 -1.49 -9.44
CA LEU A 282 6.93 -2.11 -8.67
C LEU A 282 7.32 -3.48 -8.13
N ASN A 283 8.61 -3.71 -7.89
CA ASN A 283 9.09 -4.93 -7.26
C ASN A 283 10.37 -4.58 -6.51
N ASN A 284 10.78 -5.47 -5.62
CA ASN A 284 12.02 -5.31 -4.87
C ASN A 284 13.09 -6.14 -5.54
N ALA A 285 14.15 -5.48 -6.00
CA ALA A 285 15.21 -6.19 -6.68
C ALA A 285 15.85 -7.19 -5.72
N PRO A 286 16.21 -8.38 -6.20
CA PRO A 286 16.86 -9.36 -5.32
C PRO A 286 18.29 -8.97 -5.00
N ASP A 287 18.98 -8.33 -5.93
CA ASP A 287 20.31 -7.81 -5.66
C ASP A 287 20.27 -6.46 -5.03
N ARG A 288 19.11 -6.11 -4.49
CA ARG A 288 18.93 -4.86 -3.76
C ARG A 288 19.46 -3.72 -4.60
N MET A 289 19.11 -3.74 -5.88
CA MET A 289 19.44 -2.62 -6.76
C MET A 289 18.35 -1.55 -6.76
N TRP A 290 17.11 -1.95 -6.47
CA TRP A 290 16.01 -1.01 -6.30
C TRP A 290 14.98 -1.64 -5.38
N VAL A 291 14.03 -0.82 -4.95
CA VAL A 291 12.92 -1.28 -4.12
C VAL A 291 11.63 -0.75 -4.73
N ASN A 292 10.51 -1.37 -4.35
CA ASN A 292 9.23 -0.87 -4.85
C ASN A 292 9.10 0.61 -4.51
N GLY A 293 9.04 1.45 -5.55
CA GLY A 293 8.91 2.89 -5.42
C GLY A 293 10.05 3.67 -6.05
N THR A 294 11.16 3.01 -6.38
CA THR A 294 12.33 3.70 -6.94
C THR A 294 11.97 4.40 -8.24
N ILE A 295 12.49 5.60 -8.44
CA ILE A 295 12.14 6.38 -9.62
C ILE A 295 13.26 6.29 -10.65
N GLY A 296 12.90 6.33 -11.92
CA GLY A 296 13.87 6.37 -13.00
C GLY A 296 13.34 7.03 -14.26
N THR A 297 14.16 7.00 -15.31
CA THR A 297 13.82 7.58 -16.59
C THR A 297 14.16 6.60 -17.70
N ILE A 298 13.23 6.41 -18.63
CA ILE A 298 13.42 5.39 -19.66
C ILE A 298 14.44 5.91 -20.66
N THR A 299 15.53 5.15 -20.84
CA THR A 299 16.50 5.51 -21.85
C THR A 299 16.38 4.70 -23.14
N ASN A 300 15.79 3.50 -23.09
CA ASN A 300 15.57 2.70 -24.28
C ASN A 300 14.43 1.71 -24.06
N ILE A 301 13.73 1.36 -25.14
CA ILE A 301 12.68 0.35 -25.12
C ILE A 301 12.91 -0.63 -26.26
N PHE A 302 13.19 -1.89 -25.92
CA PHE A 302 13.39 -2.95 -26.92
C PHE A 302 12.40 -4.06 -26.63
N PRO A 303 11.26 -4.09 -27.31
CA PRO A 303 10.21 -5.08 -26.99
C PRO A 303 10.48 -6.49 -27.49
N ASP A 304 11.14 -6.61 -28.65
CA ASP A 304 11.46 -7.95 -29.15
C ASP A 304 12.35 -8.71 -28.18
N GLU A 305 13.24 -8.00 -27.49
CA GLU A 305 14.11 -8.59 -26.49
C GLU A 305 13.53 -8.49 -25.09
N MET A 306 12.38 -7.84 -24.94
CA MET A 306 11.68 -7.79 -23.66
C MET A 306 12.57 -7.12 -22.62
N ILE A 307 13.08 -5.95 -22.98
CA ILE A 307 13.99 -5.19 -22.15
C ILE A 307 13.57 -3.74 -22.20
N ILE A 308 13.41 -3.12 -21.04
CA ILE A 308 13.31 -1.68 -20.92
C ILE A 308 14.50 -1.22 -20.10
N GLU A 309 15.25 -0.26 -20.62
CA GLU A 309 16.38 0.31 -19.92
C GLU A 309 15.94 1.62 -19.30
N LEU A 310 16.35 1.85 -18.05
CA LEU A 310 16.10 3.14 -17.46
C LEU A 310 17.28 3.59 -16.63
N ALA A 311 17.40 4.91 -16.49
CA ALA A 311 18.44 5.55 -15.71
C ALA A 311 17.87 5.92 -14.35
N LEU A 312 18.47 5.40 -13.29
CA LEU A 312 18.06 5.71 -11.93
C LEU A 312 18.49 7.13 -11.58
N GLU A 313 18.20 7.53 -10.34
CA GLU A 313 18.50 8.89 -9.89
C GLU A 313 20.00 9.04 -9.62
N ASN A 314 20.62 7.99 -9.10
CA ASN A 314 22.01 7.97 -8.70
C ASN A 314 22.94 7.68 -9.87
N GLY A 315 22.43 7.82 -11.09
CA GLY A 315 23.18 7.60 -12.32
C GLY A 315 23.07 6.23 -12.96
N ASN A 316 23.02 5.17 -12.15
CA ASN A 316 23.16 3.83 -12.69
C ASN A 316 22.03 3.50 -13.65
N ILE A 317 22.41 3.05 -14.85
CA ILE A 317 21.47 2.52 -15.82
C ILE A 317 21.19 1.05 -15.51
N VAL A 318 19.93 0.65 -15.59
CA VAL A 318 19.49 -0.71 -15.27
C VAL A 318 18.74 -1.29 -16.47
N GLU A 319 18.56 -2.61 -16.44
CA GLU A 319 17.86 -3.36 -17.48
C GLU A 319 16.70 -4.13 -16.83
N ILE A 320 15.48 -3.80 -17.23
CA ILE A 320 14.27 -4.26 -16.58
C ILE A 320 13.59 -5.27 -17.50
N THR A 321 13.46 -6.51 -17.05
CA THR A 321 12.69 -7.49 -17.81
C THR A 321 11.34 -7.70 -17.18
N PRO A 322 10.40 -8.29 -17.91
CA PRO A 322 9.06 -8.52 -17.34
C PRO A 322 9.11 -9.29 -16.04
N PHE A 323 7.99 -9.29 -15.31
CA PHE A 323 7.89 -9.79 -13.94
C PHE A 323 6.54 -10.47 -13.76
N LYS A 324 6.54 -11.62 -13.11
CA LYS A 324 5.34 -12.43 -12.95
C LYS A 324 4.86 -12.31 -11.51
N TRP A 325 3.62 -11.88 -11.33
CA TRP A 325 2.94 -11.83 -10.04
C TRP A 325 2.01 -13.01 -9.92
N ASP A 326 1.90 -13.57 -8.72
CA ASP A 326 1.03 -14.71 -8.47
C ASP A 326 -0.16 -14.30 -7.63
N MET A 327 -1.35 -14.73 -8.06
CA MET A 327 -2.59 -14.49 -7.33
C MET A 327 -2.93 -15.72 -6.49
N ILE A 328 -3.03 -15.54 -5.20
CA ILE A 328 -3.20 -16.65 -4.28
C ILE A 328 -4.64 -16.74 -3.83
N LYS A 329 -5.10 -17.97 -3.60
CA LYS A 329 -6.31 -18.21 -2.83
C LYS A 329 -6.03 -19.32 -1.84
N PHE A 330 -6.22 -19.05 -0.57
CA PHE A 330 -6.01 -20.06 0.45
C PHE A 330 -7.09 -21.13 0.35
N THR A 331 -6.64 -22.39 0.38
CA THR A 331 -7.52 -23.55 0.41
C THR A 331 -7.00 -24.52 1.46
N TYR A 332 -7.93 -25.20 2.15
CA TYR A 332 -7.59 -26.25 3.11
C TYR A 332 -7.35 -27.57 2.39
N ASP A 333 -6.16 -28.11 2.55
CA ASP A 333 -5.80 -29.42 2.00
C ASP A 333 -6.18 -30.47 3.04
N LYS A 334 -7.27 -31.19 2.78
CA LYS A 334 -7.74 -32.23 3.71
C LYS A 334 -6.79 -33.42 3.74
N LYS A 335 -5.95 -33.55 2.71
CA LYS A 335 -4.98 -34.63 2.65
C LYS A 335 -3.86 -34.43 3.67
N GLU A 336 -3.38 -33.21 3.79
CA GLU A 336 -2.25 -32.92 4.65
C GLU A 336 -2.65 -32.22 5.94
N LYS A 337 -3.90 -31.76 6.04
CA LYS A 337 -4.39 -31.13 7.25
C LYS A 337 -3.60 -29.85 7.55
N LYS A 338 -3.43 -29.03 6.52
CA LYS A 338 -2.76 -27.74 6.63
C LYS A 338 -3.34 -26.79 5.59
N MET A 339 -3.12 -25.49 5.78
CA MET A 339 -3.62 -24.50 4.84
C MET A 339 -2.58 -24.25 3.77
N LEU A 340 -3.02 -24.26 2.53
CA LEU A 340 -2.10 -24.10 1.41
C LEU A 340 -2.47 -22.86 0.63
N SER A 341 -1.44 -22.24 0.08
CA SER A 341 -1.62 -21.13 -0.84
C SER A 341 -1.67 -21.73 -2.23
N GLU A 342 -2.84 -21.71 -2.83
CA GLU A 342 -3.04 -22.26 -4.16
C GLU A 342 -3.06 -21.11 -5.17
N THR A 343 -2.14 -21.16 -6.12
CA THR A 343 -2.02 -20.09 -7.11
C THR A 343 -3.10 -20.26 -8.16
N ILE A 344 -3.94 -19.24 -8.32
CA ILE A 344 -5.10 -19.33 -9.18
C ILE A 344 -4.97 -18.50 -10.44
N GLY A 345 -3.90 -17.71 -10.57
CA GLY A 345 -3.68 -16.87 -11.74
C GLY A 345 -2.28 -16.29 -11.67
N SER A 346 -1.89 -15.65 -12.78
CA SER A 346 -0.62 -14.95 -12.85
C SER A 346 -0.76 -13.77 -13.79
N TYR A 347 0.11 -12.78 -13.60
CA TYR A 347 0.14 -11.58 -14.42
C TYR A 347 1.60 -11.23 -14.69
N THR A 348 1.95 -11.17 -15.97
CA THR A 348 3.32 -10.90 -16.37
C THR A 348 3.36 -9.59 -17.15
N GLN A 349 4.07 -8.60 -16.61
CA GLN A 349 4.25 -7.31 -17.25
C GLN A 349 5.55 -6.74 -16.70
N PHE A 350 6.04 -5.67 -17.34
CA PHE A 350 7.23 -5.01 -16.83
C PHE A 350 6.88 -4.34 -15.51
N PRO A 351 7.69 -4.50 -14.45
CA PRO A 351 7.37 -3.87 -13.16
C PRO A 351 7.58 -2.37 -13.17
N LEU A 352 6.77 -1.65 -13.95
CA LEU A 352 6.86 -0.18 -14.08
C LEU A 352 5.48 0.42 -14.25
N LYS A 353 5.33 1.68 -13.83
CA LYS A 353 4.17 2.46 -14.20
C LYS A 353 4.60 3.92 -14.23
N LEU A 354 3.80 4.76 -14.88
CA LEU A 354 4.12 6.18 -14.95
C LEU A 354 4.16 6.78 -13.55
N ALA A 355 5.23 7.52 -13.26
CA ALA A 355 5.48 8.07 -11.94
C ALA A 355 5.58 9.59 -11.95
N TYR A 356 4.80 10.24 -12.82
CA TYR A 356 4.66 11.68 -12.74
C TYR A 356 3.69 12.06 -11.64
N ALA A 357 2.79 11.16 -11.30
CA ALA A 357 1.80 11.43 -10.25
C ALA A 357 1.35 10.10 -9.67
N ILE A 358 0.93 10.15 -8.41
CA ILE A 358 0.36 8.99 -7.73
C ILE A 358 -0.51 9.53 -6.60
N THR A 359 -1.52 8.74 -6.21
CA THR A 359 -2.37 9.21 -5.13
C THR A 359 -1.75 8.85 -3.79
N VAL A 360 -2.21 9.54 -2.74
CA VAL A 360 -1.70 9.24 -1.42
C VAL A 360 -1.99 7.78 -1.07
N HIS A 361 -3.14 7.27 -1.52
CA HIS A 361 -3.44 5.87 -1.23
C HIS A 361 -2.51 4.94 -1.99
N LYS A 362 -2.42 5.09 -3.32
CA LYS A 362 -1.60 4.13 -4.07
C LYS A 362 -0.10 4.20 -3.75
N SER A 363 0.39 5.26 -3.10
CA SER A 363 1.78 5.29 -2.62
C SER A 363 1.91 4.82 -1.17
N GLN A 364 1.50 3.60 -0.85
CA GLN A 364 1.51 3.32 0.59
C GLN A 364 2.91 3.04 1.09
N GLY A 365 3.54 2.00 0.55
CA GLY A 365 4.91 1.70 0.94
C GLY A 365 5.99 2.35 0.10
N LYS A 366 5.92 3.65 -0.14
CA LYS A 366 6.96 4.28 -0.94
C LYS A 366 7.40 5.58 -0.29
N THR A 367 8.61 6.04 -0.64
CA THR A 367 9.15 7.27 -0.08
C THR A 367 9.36 8.39 -1.09
N PHE A 368 10.04 8.14 -2.21
CA PHE A 368 10.34 9.22 -3.16
C PHE A 368 11.30 10.27 -2.59
N HIS A 369 11.87 11.15 -3.43
CA HIS A 369 12.85 12.13 -2.97
C HIS A 369 12.48 13.55 -3.38
N LYS A 370 11.74 13.66 -4.48
CA LYS A 370 11.27 14.93 -5.04
C LYS A 370 9.75 14.85 -5.20
N VAL A 371 9.01 15.50 -4.29
CA VAL A 371 7.56 15.42 -4.30
C VAL A 371 6.97 16.82 -4.31
N ILE A 372 5.85 16.96 -5.01
CA ILE A 372 5.13 18.22 -5.13
C ILE A 372 3.75 18.02 -4.49
N ILE A 373 3.44 18.82 -3.48
CA ILE A 373 2.12 18.77 -2.88
C ILE A 373 1.39 20.08 -3.18
N ASP A 374 0.60 20.05 -4.24
CA ASP A 374 -0.23 21.19 -4.62
C ASP A 374 -1.50 21.21 -3.80
N THR A 375 -1.78 22.34 -3.16
CA THR A 375 -3.01 22.52 -2.40
C THR A 375 -4.09 23.18 -3.24
N SER A 376 -3.71 24.18 -4.06
CA SER A 376 -4.61 24.80 -5.03
C SER A 376 -5.44 23.73 -5.75
N ARG A 377 -4.77 22.76 -6.38
CA ARG A 377 -5.50 21.57 -6.82
C ARG A 377 -5.32 20.46 -5.78
N HIS A 378 -6.21 19.47 -5.84
CA HIS A 378 -6.16 18.33 -4.92
C HIS A 378 -6.51 18.77 -3.50
N PHE A 379 -7.56 18.19 -2.92
CA PHE A 379 -7.90 18.45 -1.52
C PHE A 379 -7.11 17.53 -0.60
N PHE A 380 -6.59 18.10 0.50
CA PHE A 380 -5.83 17.34 1.50
C PHE A 380 -6.41 17.64 2.89
N ALA A 381 -7.35 16.82 3.35
CA ALA A 381 -7.83 16.98 4.71
C ALA A 381 -6.66 16.78 5.69
N PRO A 382 -6.51 17.64 6.72
CA PRO A 382 -5.32 17.50 7.56
C PRO A 382 -5.22 16.07 8.06
N GLY A 383 -4.15 15.41 7.64
CA GLY A 383 -3.82 14.06 8.04
C GLY A 383 -3.70 13.19 6.80
N GLN A 384 -4.57 13.43 5.81
CA GLN A 384 -4.23 13.10 4.43
C GLN A 384 -3.02 13.89 3.95
N PHE A 385 -2.92 15.15 4.41
CA PHE A 385 -1.79 15.99 4.07
C PHE A 385 -0.52 15.51 4.77
N TYR A 386 -0.68 15.01 5.99
CA TYR A 386 0.45 14.48 6.75
C TYR A 386 1.06 13.29 6.02
N VAL A 387 0.23 12.30 5.68
CA VAL A 387 0.70 11.12 4.96
C VAL A 387 1.50 11.53 3.72
N ALA A 388 1.03 12.56 3.00
CA ALA A 388 1.74 13.15 1.87
C ALA A 388 3.17 13.51 2.26
N LEU A 389 3.31 14.36 3.28
CA LEU A 389 4.63 14.73 3.77
C LEU A 389 5.48 13.51 4.10
N SER A 390 4.85 12.42 4.55
CA SER A 390 5.48 11.21 5.04
C SER A 390 6.12 10.44 3.91
N ARG A 391 6.09 11.00 2.69
CA ARG A 391 6.52 10.36 1.45
C ARG A 391 7.49 11.27 0.69
N CYS A 392 8.45 11.84 1.41
CA CYS A 392 9.61 12.45 0.79
C CYS A 392 10.84 12.20 1.65
N THR A 393 11.89 11.62 1.07
CA THR A 393 13.14 11.38 1.79
C THR A 393 13.54 12.55 2.68
N SER A 394 13.48 13.76 2.13
CA SER A 394 13.89 14.96 2.85
C SER A 394 12.87 16.06 2.58
N LEU A 395 12.70 16.93 3.56
CA LEU A 395 11.80 18.07 3.36
C LEU A 395 12.46 19.18 2.56
N ASP A 396 13.71 18.99 2.12
CA ASP A 396 14.31 19.89 1.15
C ASP A 396 13.82 19.59 -0.26
N GLY A 397 13.47 18.33 -0.52
CA GLY A 397 12.91 17.96 -1.80
C GLY A 397 11.39 18.04 -1.80
N ILE A 398 10.83 19.08 -1.21
CA ILE A 398 9.39 19.27 -1.19
C ILE A 398 9.06 20.65 -1.72
N ILE A 399 7.91 20.75 -2.39
CA ILE A 399 7.36 22.02 -2.88
C ILE A 399 5.88 22.05 -2.54
N LEU A 400 5.37 23.24 -2.18
CA LEU A 400 3.95 23.41 -1.89
C LEU A 400 3.40 24.59 -2.68
N THR A 401 2.12 24.90 -2.47
CA THR A 401 1.52 26.02 -3.18
C THR A 401 1.11 27.17 -2.28
N LYS A 402 0.35 26.88 -1.23
CA LYS A 402 -0.17 27.90 -0.32
C LYS A 402 0.47 27.75 1.06
N LYS A 403 0.21 28.74 1.90
CA LYS A 403 0.74 28.79 3.26
C LYS A 403 0.19 27.63 4.10
N ILE A 404 0.75 27.49 5.30
CA ILE A 404 0.36 26.45 6.25
C ILE A 404 0.34 27.09 7.63
N THR A 405 -0.81 27.01 8.29
CA THR A 405 -1.02 27.61 9.59
C THR A 405 -0.87 26.54 10.68
N LYS A 406 -1.15 26.94 11.91
CA LYS A 406 -0.98 26.06 13.06
C LYS A 406 -2.22 25.21 13.31
N ASN A 407 -3.40 25.71 12.95
CA ASN A 407 -4.65 24.97 13.15
C ASN A 407 -5.11 24.24 11.90
N SER A 408 -4.40 24.37 10.78
CA SER A 408 -4.65 23.55 9.61
C SER A 408 -3.86 22.24 9.67
N ILE A 409 -3.17 21.98 10.78
CA ILE A 409 -2.43 20.76 11.00
C ILE A 409 -3.00 20.05 12.21
N ILE A 410 -4.30 20.26 12.46
CA ILE A 410 -4.99 19.65 13.60
C ILE A 410 -5.51 18.30 13.11
N LEU A 411 -4.68 17.26 13.29
CA LEU A 411 -5.00 15.92 12.79
C LEU A 411 -6.36 15.45 13.29
C1 GOL B . -9.59 5.57 5.74
O1 GOL B . -8.80 4.75 6.56
C2 GOL B . -10.03 4.81 4.47
O2 GOL B . -10.60 5.70 3.56
C3 GOL B . -8.76 4.09 4.05
O3 GOL B . -9.13 3.22 3.01
H11 GOL B . -9.12 6.38 5.47
H12 GOL B . -10.38 5.88 6.21
HO1 GOL B . -8.08 5.17 6.71
H2 GOL B . -10.72 4.14 4.59
HO2 GOL B . -10.38 6.51 3.80
H31 GOL B . -8.38 3.64 4.83
H32 GOL B . -8.10 4.75 3.79
HO3 GOL B . -9.70 2.66 3.32
MG MG C . -1.49 -20.75 14.68
#